data_3NBV
#
_entry.id   3NBV
#
_cell.length_a   82.845
_cell.length_b   86.035
_cell.length_c   136.961
_cell.angle_alpha   90.00
_cell.angle_beta   90.00
_cell.angle_gamma   90.00
#
_symmetry.space_group_name_H-M   'P 21 21 21'
#
loop_
_entity.id
_entity.type
_entity.pdbx_description
1 polymer Ketohexokinase
2 non-polymer 'PHOSPHOAMINOPHOSPHONIC ACID-ADENYLATE ESTER'
3 non-polymer beta-D-fructofuranose
4 non-polymer 'SULFATE ION'
5 water water
#
_entity_poly.entity_id   1
_entity_poly.type   'polypeptide(L)'
_entity_poly.pdbx_seq_one_letter_code
;MGSSHHHHHHSSGLVPRGSQILCVGLVVLDVISLVDKYPKEDSEIRCLSQRWQRGGNASNSCTVLSLLGAPCAFMGSMAP
GHVADFLVADFRRRGVDVSQVAWQSKGDTPSSCCIINNSNGNRTIVLHDTSLPDVSATDFEKVDLTQFKWIHIEGRNASE
QVKMLQRIDAHNTRQPPEQKIRVSVEVEKPREELFQLFGYGDVVFVSKDVAKHLGFQSAEEALRGLYGRVRKGAVLVCAW
AEEGADALGPDGKLLHSDAFPPPRVVDTLGAGDTFNASVIFSLSQGRSVQEALRFGCQVAGKKCGLQGFDGIV
;
_entity_poly.pdbx_strand_id   A,B
#
loop_
_chem_comp.id
_chem_comp.type
_chem_comp.name
_chem_comp.formula
ANP non-polymer 'PHOSPHOAMINOPHOSPHONIC ACID-ADENYLATE ESTER' 'C10 H17 N6 O12 P3'
FRU D-saccharide, beta linking beta-D-fructofuranose 'C6 H12 O6'
SO4 non-polymer 'SULFATE ION' 'O4 S -2'
#
# COMPACT_ATOMS: atom_id res chain seq x y z
N GLY A 18 -26.16 27.00 13.72
CA GLY A 18 -25.91 25.70 14.33
C GLY A 18 -26.40 24.55 13.45
N SER A 19 -25.80 24.39 12.29
CA SER A 19 -26.27 23.44 11.29
C SER A 19 -25.16 22.61 10.63
N GLN A 20 -24.13 22.27 11.40
CA GLN A 20 -23.05 21.42 10.91
C GLN A 20 -22.91 20.20 11.81
N ILE A 21 -22.67 19.04 11.20
CA ILE A 21 -22.38 17.85 11.99
C ILE A 21 -20.88 17.68 12.10
N LEU A 22 -20.40 17.38 13.30
CA LEU A 22 -18.99 17.19 13.54
C LEU A 22 -18.67 15.76 13.92
N CYS A 23 -17.74 15.14 13.21
CA CYS A 23 -17.25 13.82 13.63
C CYS A 23 -15.82 13.93 14.13
N VAL A 24 -15.61 13.32 15.30
CA VAL A 24 -14.34 13.38 15.98
C VAL A 24 -13.80 11.98 16.02
N GLY A 25 -12.62 11.79 15.42
CA GLY A 25 -11.98 10.49 15.45
C GLY A 25 -10.78 10.41 14.54
N LEU A 26 -10.53 9.21 14.04
CA LEU A 26 -9.34 8.91 13.26
C LEU A 26 -9.52 9.14 11.75
N VAL A 27 -8.45 9.57 11.09
CA VAL A 27 -8.40 9.60 9.63
C VAL A 27 -7.14 8.87 9.20
N VAL A 28 -7.26 7.91 8.30
CA VAL A 28 -6.09 7.15 7.87
C VAL A 28 -6.08 6.93 6.38
N LEU A 29 -4.88 6.74 5.82
CA LEU A 29 -4.72 6.44 4.41
C LEU A 29 -4.86 4.95 4.17
N ASP A 30 -5.90 4.57 3.43
CA ASP A 30 -6.13 3.18 3.09
C ASP A 30 -5.53 2.84 1.74
N VAL A 31 -4.52 2.00 1.75
CA VAL A 31 -3.91 1.51 0.54
C VAL A 31 -4.56 0.17 0.25
N ILE A 32 -5.32 0.12 -0.83
CA ILE A 32 -6.28 -0.96 -1.03
C ILE A 32 -5.94 -1.78 -2.24
N SER A 33 -6.00 -3.10 -2.08
CA SER A 33 -5.86 -4.03 -3.20
C SER A 33 -7.11 -4.85 -3.32
N LEU A 34 -7.65 -4.94 -4.52
CA LEU A 34 -8.86 -5.74 -4.71
C LEU A 34 -8.44 -7.05 -5.34
N VAL A 35 -8.69 -8.16 -4.64
CA VAL A 35 -8.29 -9.49 -5.12
C VAL A 35 -9.54 -10.34 -5.33
N ASP A 36 -9.44 -11.42 -6.10
CA ASP A 36 -10.63 -12.26 -6.31
C ASP A 36 -10.69 -13.46 -5.39
N LYS A 37 -9.61 -13.70 -4.66
CA LYS A 37 -9.63 -14.69 -3.59
C LYS A 37 -8.62 -14.23 -2.55
N TYR A 38 -8.93 -14.47 -1.28
CA TYR A 38 -8.00 -14.14 -0.22
C TYR A 38 -6.82 -15.11 -0.31
N PRO A 39 -5.59 -14.60 -0.19
CA PRO A 39 -4.40 -15.44 -0.38
C PRO A 39 -4.06 -16.29 0.84
N LYS A 40 -3.68 -17.55 0.64
CA LYS A 40 -3.26 -18.37 1.78
C LYS A 40 -1.92 -17.87 2.33
N GLU A 41 -1.65 -18.16 3.60
CA GLU A 41 -0.40 -17.70 4.19
C GLU A 41 0.79 -18.15 3.35
N ASP A 42 1.82 -17.32 3.28
CA ASP A 42 3.06 -17.69 2.64
C ASP A 42 2.84 -17.99 1.16
N SER A 43 1.80 -17.40 0.58
CA SER A 43 1.55 -17.53 -0.85
C SER A 43 1.68 -16.19 -1.56
N GLU A 44 1.47 -16.18 -2.86
CA GLU A 44 1.61 -14.98 -3.65
C GLU A 44 0.51 -14.93 -4.73
N ILE A 45 -0.28 -13.86 -4.72
CA ILE A 45 -1.36 -13.69 -5.69
C ILE A 45 -1.41 -12.28 -6.28
N ARG A 46 -1.88 -12.16 -7.51
CA ARG A 46 -1.97 -10.86 -8.17
C ARG A 46 -3.31 -10.18 -7.91
N CYS A 47 -3.31 -8.87 -7.69
CA CYS A 47 -4.56 -8.18 -7.41
C CYS A 47 -5.22 -7.68 -8.68
N LEU A 48 -6.56 -7.62 -8.66
CA LEU A 48 -7.34 -7.17 -9.81
C LEU A 48 -7.13 -5.69 -10.08
N SER A 49 -7.08 -4.90 -9.02
CA SER A 49 -6.88 -3.45 -9.14
C SER A 49 -6.46 -2.91 -7.80
N GLN A 50 -6.09 -1.64 -7.77
CA GLN A 50 -5.65 -1.04 -6.53
C GLN A 50 -6.04 0.41 -6.48
N ARG A 51 -6.09 0.98 -5.28
CA ARG A 51 -6.44 2.38 -5.14
C ARG A 51 -6.10 2.85 -3.75
N TRP A 52 -6.07 4.17 -3.58
CA TRP A 52 -5.95 4.80 -2.27
C TRP A 52 -7.29 5.39 -1.90
N GLN A 53 -7.65 5.28 -0.63
CA GLN A 53 -8.84 5.93 -0.11
C GLN A 53 -8.51 6.61 1.20
N ARG A 54 -9.11 7.76 1.41
CA ARG A 54 -9.19 8.35 2.74
C ARG A 54 -10.13 7.49 3.58
N GLY A 55 -9.63 6.98 4.70
CA GLY A 55 -10.41 6.15 5.61
C GLY A 55 -10.35 6.61 7.05
N GLY A 56 -10.53 5.66 7.97
CA GLY A 56 -10.80 5.98 9.36
C GLY A 56 -12.30 6.16 9.55
N ASN A 57 -12.83 5.76 10.70
CA ASN A 57 -14.28 5.77 10.92
C ASN A 57 -14.92 7.15 10.82
N ALA A 58 -14.46 8.06 11.67
CA ALA A 58 -15.00 9.41 11.67
C ALA A 58 -14.85 10.04 10.30
N SER A 59 -13.74 9.74 9.64
CA SER A 59 -13.45 10.27 8.32
C SER A 59 -14.38 9.70 7.25
N ASN A 60 -14.52 8.37 7.23
CA ASN A 60 -15.49 7.72 6.37
C ASN A 60 -16.93 8.25 6.58
N SER A 61 -17.30 8.50 7.83
CA SER A 61 -18.63 9.07 8.09
C SER A 61 -18.83 10.46 7.47
N CYS A 62 -17.81 11.30 7.52
CA CYS A 62 -17.89 12.61 6.86
C CYS A 62 -18.12 12.49 5.36
N THR A 63 -17.42 11.53 4.75
CA THR A 63 -17.63 11.26 3.33
C THR A 63 -19.10 10.99 3.08
N VAL A 64 -19.69 10.15 3.91
CA VAL A 64 -21.07 9.75 3.73
C VAL A 64 -22.03 10.91 3.98
N LEU A 65 -21.84 11.62 5.09
CA LEU A 65 -22.62 12.83 5.37
C LEU A 65 -22.59 13.81 4.21
N SER A 66 -21.39 14.10 3.72
CA SER A 66 -21.23 14.96 2.56
C SER A 66 -22.03 14.47 1.37
N LEU A 67 -21.94 13.18 1.07
CA LEU A 67 -22.65 12.67 -0.10
C LEU A 67 -24.15 12.78 0.11
N LEU A 68 -24.57 12.76 1.37
CA LEU A 68 -25.98 12.83 1.71
C LEU A 68 -26.48 14.28 1.75
N GLY A 69 -25.57 15.23 1.62
CA GLY A 69 -25.93 16.64 1.54
C GLY A 69 -25.86 17.40 2.86
N ALA A 70 -25.34 16.75 3.89
CA ALA A 70 -25.22 17.37 5.20
C ALA A 70 -23.90 18.09 5.36
N PRO A 71 -23.97 19.41 5.58
CA PRO A 71 -22.74 20.15 5.89
C PRO A 71 -22.13 19.55 7.11
N CYS A 72 -20.86 19.18 7.03
CA CYS A 72 -20.21 18.52 8.15
C CYS A 72 -18.76 18.91 8.20
N ALA A 73 -18.10 18.53 9.29
CA ALA A 73 -16.72 18.89 9.49
C ALA A 73 -16.07 17.76 10.24
N PHE A 74 -14.76 17.62 10.05
CA PHE A 74 -14.00 16.56 10.71
C PHE A 74 -12.99 17.15 11.65
N MET A 75 -12.68 16.41 12.71
CA MET A 75 -11.66 16.83 13.65
C MET A 75 -10.86 15.62 14.09
N GLY A 76 -9.56 15.67 13.86
CA GLY A 76 -8.67 14.61 14.28
C GLY A 76 -7.23 15.01 14.04
N SER A 77 -6.31 14.21 14.56
CA SER A 77 -4.89 14.46 14.37
C SER A 77 -4.39 14.13 12.97
N MET A 78 -3.66 15.07 12.38
CA MET A 78 -2.90 14.79 11.17
C MET A 78 -1.51 15.44 11.27
N ALA A 79 -0.50 14.75 10.76
CA ALA A 79 0.86 15.29 10.70
C ALA A 79 1.12 15.85 9.31
N PRO A 80 1.60 17.10 9.22
CA PRO A 80 1.93 17.66 7.91
C PRO A 80 2.86 16.73 7.12
N GLY A 81 2.60 16.61 5.82
CA GLY A 81 3.33 15.68 4.96
C GLY A 81 2.63 15.50 3.63
N HIS A 82 3.13 14.60 2.79
CA HIS A 82 2.50 14.34 1.50
C HIS A 82 1.21 13.52 1.63
N VAL A 83 1.21 12.54 2.52
CA VAL A 83 -0.01 11.78 2.81
C VAL A 83 -1.13 12.71 3.27
N ALA A 84 -0.90 13.38 4.40
CA ALA A 84 -1.87 14.35 4.90
C ALA A 84 -2.34 15.27 3.79
N ASP A 85 -1.43 15.67 2.91
CA ASP A 85 -1.82 16.54 1.81
C ASP A 85 -2.87 15.84 0.96
N PHE A 86 -2.62 14.57 0.64
CA PHE A 86 -3.61 13.78 -0.09
C PHE A 86 -4.96 13.75 0.65
N LEU A 87 -4.91 13.38 1.91
CA LEU A 87 -6.10 13.34 2.76
C LEU A 87 -6.89 14.66 2.75
N VAL A 88 -6.21 15.77 3.04
CA VAL A 88 -6.87 17.07 3.07
C VAL A 88 -7.55 17.39 1.74
N ALA A 89 -6.83 17.10 0.66
CA ALA A 89 -7.38 17.35 -0.66
C ALA A 89 -8.67 16.56 -0.82
N ASP A 90 -8.67 15.32 -0.36
CA ASP A 90 -9.86 14.47 -0.43
C ASP A 90 -10.99 15.07 0.39
N PHE A 91 -10.68 15.39 1.65
CA PHE A 91 -11.63 16.10 2.50
C PHE A 91 -12.25 17.27 1.77
N ARG A 92 -11.41 18.12 1.18
CA ARG A 92 -11.90 19.32 0.50
C ARG A 92 -12.74 19.02 -0.73
N ARG A 93 -12.37 18.01 -1.50
CA ARG A 93 -13.15 17.65 -2.67
C ARG A 93 -14.56 17.20 -2.26
N ARG A 94 -14.68 16.71 -1.03
CA ARG A 94 -15.97 16.29 -0.50
C ARG A 94 -16.70 17.46 0.16
N GLY A 95 -16.00 18.57 0.35
CA GLY A 95 -16.58 19.73 1.00
C GLY A 95 -16.61 19.61 2.50
N VAL A 96 -15.76 18.72 3.04
CA VAL A 96 -15.68 18.56 4.48
C VAL A 96 -14.80 19.64 5.07
N ASP A 97 -15.32 20.31 6.10
CA ASP A 97 -14.58 21.32 6.85
C ASP A 97 -13.50 20.62 7.66
N VAL A 98 -12.25 21.02 7.48
CA VAL A 98 -11.14 20.41 8.20
C VAL A 98 -10.50 21.39 9.19
N SER A 99 -11.07 22.59 9.29
CA SER A 99 -10.48 23.68 10.06
C SER A 99 -10.17 23.32 11.51
N GLN A 100 -10.89 22.35 12.08
CA GLN A 100 -10.64 21.99 13.47
C GLN A 100 -9.66 20.84 13.63
N VAL A 101 -8.94 20.52 12.56
CA VAL A 101 -7.95 19.45 12.61
C VAL A 101 -6.83 19.78 13.60
N ALA A 102 -6.45 18.77 14.39
CA ALA A 102 -5.40 18.94 15.38
C ALA A 102 -4.04 18.64 14.80
N TRP A 103 -3.54 19.56 13.97
CA TRP A 103 -2.24 19.39 13.32
C TRP A 103 -1.11 19.15 14.32
N GLN A 104 -0.07 18.47 13.86
CA GLN A 104 0.97 18.02 14.76
C GLN A 104 2.39 18.17 14.21
N SER A 105 3.33 17.60 14.94
CA SER A 105 4.74 17.68 14.58
C SER A 105 5.44 16.44 15.10
N LYS A 106 4.73 15.64 15.89
CA LYS A 106 5.21 14.34 16.34
C LYS A 106 4.40 13.21 15.69
N GLY A 107 5.09 12.21 15.16
CA GLY A 107 4.44 11.05 14.58
C GLY A 107 4.00 11.17 13.11
N ASP A 108 3.69 10.03 12.51
CA ASP A 108 3.23 9.98 11.12
C ASP A 108 1.72 9.87 11.03
N THR A 109 1.15 10.06 9.84
CA THR A 109 -0.29 9.86 9.71
C THR A 109 -0.52 8.38 9.51
N PRO A 110 -1.49 7.80 10.23
CA PRO A 110 -1.73 6.35 10.18
C PRO A 110 -2.10 5.93 8.76
N SER A 111 -1.77 4.70 8.42
CA SER A 111 -2.19 4.16 7.15
C SER A 111 -2.39 2.68 7.33
N SER A 112 -2.92 2.03 6.31
CA SER A 112 -3.22 0.63 6.43
C SER A 112 -3.10 -0.02 5.08
N CYS A 113 -2.95 -1.33 5.09
CA CYS A 113 -3.13 -2.12 3.89
C CYS A 113 -4.46 -2.83 4.01
N CYS A 114 -5.29 -2.66 3.00
CA CYS A 114 -6.59 -3.31 3.00
C CYS A 114 -6.66 -4.27 1.83
N ILE A 115 -6.96 -5.53 2.12
CA ILE A 115 -7.24 -6.48 1.06
C ILE A 115 -8.75 -6.65 0.97
N ILE A 116 -9.31 -6.35 -0.20
CA ILE A 116 -10.74 -6.53 -0.39
C ILE A 116 -10.98 -7.71 -1.32
N ASN A 117 -11.68 -8.71 -0.81
CA ASN A 117 -12.05 -9.89 -1.58
C ASN A 117 -13.26 -9.58 -2.45
N ASN A 118 -13.04 -9.45 -3.75
CA ASN A 118 -14.08 -9.03 -4.67
C ASN A 118 -15.17 -10.07 -4.85
N SER A 119 -14.96 -11.28 -4.32
CA SER A 119 -15.94 -12.32 -4.52
C SER A 119 -17.02 -12.32 -3.43
N ASN A 120 -16.74 -11.71 -2.29
CA ASN A 120 -17.74 -11.66 -1.23
C ASN A 120 -17.72 -10.36 -0.41
N GLY A 121 -16.89 -9.41 -0.81
CA GLY A 121 -16.81 -8.15 -0.12
C GLY A 121 -16.05 -8.17 1.18
N ASN A 122 -15.52 -9.33 1.55
CA ASN A 122 -14.71 -9.40 2.76
C ASN A 122 -13.56 -8.42 2.68
N ARG A 123 -13.21 -7.80 3.80
CA ARG A 123 -12.09 -6.88 3.78
C ARG A 123 -11.18 -7.18 4.95
N THR A 124 -9.88 -7.25 4.67
CA THR A 124 -8.88 -7.55 5.68
C THR A 124 -7.99 -6.32 5.82
N ILE A 125 -7.88 -5.82 7.05
CA ILE A 125 -7.21 -4.56 7.28
C ILE A 125 -5.99 -4.71 8.16
N VAL A 126 -4.83 -4.30 7.64
CA VAL A 126 -3.63 -4.26 8.46
C VAL A 126 -3.25 -2.81 8.74
N LEU A 127 -3.40 -2.43 10.00
CA LEU A 127 -3.39 -1.04 10.41
C LEU A 127 -2.07 -0.60 11.09
N HIS A 128 -1.62 0.59 10.74
CA HIS A 128 -0.41 1.19 11.29
C HIS A 128 -0.73 2.49 12.04
N ASP A 129 -1.03 2.38 13.35
CA ASP A 129 -1.22 3.56 14.24
C ASP A 129 0.11 4.17 14.64
N THR A 130 0.40 5.31 14.03
CA THR A 130 1.73 5.89 13.98
C THR A 130 2.19 6.62 15.25
N SER A 131 1.62 6.28 16.40
CA SER A 131 1.95 6.99 17.64
C SER A 131 1.40 8.42 17.62
N LEU A 132 1.05 8.90 16.43
CA LEU A 132 0.40 10.19 16.32
C LEU A 132 -0.50 10.35 17.54
N PRO A 133 -0.24 11.36 18.36
CA PRO A 133 -1.04 11.58 19.57
C PRO A 133 -2.48 11.99 19.28
N ASP A 134 -3.39 11.46 20.09
CA ASP A 134 -4.82 11.64 19.90
C ASP A 134 -5.31 13.05 20.25
N VAL A 135 -6.40 13.46 19.62
CA VAL A 135 -7.03 14.74 19.94
C VAL A 135 -7.32 14.81 21.43
N SER A 136 -7.16 15.99 22.02
CA SER A 136 -7.28 16.12 23.47
C SER A 136 -8.40 17.09 23.88
N ALA A 137 -8.83 16.97 25.13
CA ALA A 137 -9.78 17.90 25.73
C ALA A 137 -9.33 19.33 25.48
N THR A 138 -8.02 19.55 25.65
CA THR A 138 -7.41 20.85 25.40
C THR A 138 -7.76 21.34 24.01
N ASP A 139 -7.56 20.48 23.01
CA ASP A 139 -7.88 20.82 21.62
C ASP A 139 -9.35 21.10 21.45
N PHE A 140 -10.19 20.25 22.04
CA PHE A 140 -11.63 20.36 21.88
C PHE A 140 -12.20 21.65 22.48
N GLU A 141 -11.78 21.97 23.70
CA GLU A 141 -12.26 23.18 24.40
C GLU A 141 -12.08 24.43 23.55
N LYS A 142 -11.30 24.28 22.47
CA LYS A 142 -10.96 25.39 21.61
C LYS A 142 -11.98 25.53 20.47
N VAL A 143 -13.05 24.74 20.50
CA VAL A 143 -13.98 24.65 19.38
C VAL A 143 -15.30 25.39 19.62
N ASP A 144 -15.71 26.20 18.63
CA ASP A 144 -16.96 26.95 18.73
C ASP A 144 -18.19 26.07 18.51
N LEU A 145 -18.72 25.55 19.61
CA LEU A 145 -19.82 24.60 19.54
C LEU A 145 -21.08 25.16 18.92
N THR A 146 -21.16 26.47 18.75
CA THR A 146 -22.39 27.07 18.21
C THR A 146 -22.58 26.72 16.72
N GLN A 147 -21.57 26.11 16.13
CA GLN A 147 -21.62 25.74 14.71
C GLN A 147 -22.39 24.45 14.45
N PHE A 148 -22.59 23.65 15.49
CA PHE A 148 -22.98 22.24 15.32
C PHE A 148 -24.37 21.84 15.84
N LYS A 149 -25.11 21.09 15.02
CA LYS A 149 -26.40 20.52 15.42
C LYS A 149 -26.23 19.11 16.02
N TRP A 150 -25.11 18.48 15.70
CA TRP A 150 -24.83 17.10 16.13
C TRP A 150 -23.32 16.92 16.25
N ILE A 151 -22.88 16.19 17.26
CA ILE A 151 -21.47 15.87 17.37
C ILE A 151 -21.29 14.38 17.56
N HIS A 152 -20.62 13.72 16.62
CA HIS A 152 -20.35 12.29 16.74
C HIS A 152 -18.90 12.01 17.16
N ILE A 153 -18.73 11.13 18.13
CA ILE A 153 -17.39 10.84 18.64
C ILE A 153 -17.01 9.37 18.53
N GLU A 154 -16.00 9.10 17.69
CA GLU A 154 -15.45 7.77 17.55
C GLU A 154 -14.58 7.39 18.74
N GLY A 155 -15.06 6.47 19.56
CA GLY A 155 -14.37 6.08 20.78
C GLY A 155 -12.94 5.58 20.61
N ARG A 156 -11.98 6.43 20.96
CA ARG A 156 -10.57 6.02 20.90
C ARG A 156 -9.83 6.23 22.22
N ASN A 157 -9.51 7.49 22.54
CA ASN A 157 -8.90 7.84 23.82
C ASN A 157 -9.97 8.25 24.85
N ALA A 158 -10.47 7.26 25.58
CA ALA A 158 -11.69 7.41 26.37
C ALA A 158 -11.61 8.47 27.46
N SER A 159 -10.71 8.29 28.41
CA SER A 159 -10.56 9.23 29.52
C SER A 159 -10.49 10.68 29.03
N GLU A 160 -9.82 10.90 27.90
CA GLU A 160 -9.70 12.25 27.35
C GLU A 160 -10.93 12.67 26.53
N GLN A 161 -11.76 11.70 26.15
CA GLN A 161 -12.97 11.99 25.38
C GLN A 161 -14.18 12.17 26.31
N VAL A 162 -14.19 11.42 27.40
CA VAL A 162 -15.23 11.58 28.41
C VAL A 162 -15.28 13.04 28.83
N LYS A 163 -14.11 13.68 28.80
CA LYS A 163 -13.98 15.08 29.14
C LYS A 163 -14.70 15.96 28.10
N MET A 164 -14.38 15.74 26.83
CA MET A 164 -15.06 16.42 25.72
C MET A 164 -16.57 16.26 25.83
N LEU A 165 -16.99 15.05 26.21
CA LEU A 165 -18.41 14.76 26.37
C LEU A 165 -19.00 15.67 27.45
N GLN A 166 -18.40 15.64 28.64
CA GLN A 166 -18.84 16.50 29.74
C GLN A 166 -18.91 17.94 29.32
N ARG A 167 -17.92 18.40 28.57
CA ARG A 167 -17.93 19.77 28.08
C ARG A 167 -19.19 19.99 27.26
N ILE A 168 -19.61 18.97 26.53
CA ILE A 168 -20.79 19.10 25.68
C ILE A 168 -22.07 19.15 26.52
N ASP A 169 -22.15 18.25 27.51
CA ASP A 169 -23.27 18.30 28.44
C ASP A 169 -23.40 19.70 29.04
N ALA A 170 -22.31 20.16 29.65
CA ALA A 170 -22.24 21.52 30.19
C ALA A 170 -22.90 22.52 29.26
N HIS A 171 -22.47 22.52 28.00
CA HIS A 171 -23.00 23.47 27.03
C HIS A 171 -24.51 23.28 26.86
N ASN A 172 -24.96 22.04 26.98
CA ASN A 172 -26.39 21.73 26.82
C ASN A 172 -27.23 22.19 28.02
N THR A 173 -26.77 21.89 29.23
CA THR A 173 -27.45 22.33 30.44
C THR A 173 -27.79 23.82 30.35
N ARG A 174 -27.19 24.51 29.38
CA ARG A 174 -27.28 25.95 29.29
C ARG A 174 -28.08 26.41 28.06
N GLN A 175 -28.98 25.55 27.57
CA GLN A 175 -29.60 25.79 26.27
C GLN A 175 -31.03 25.30 26.18
N PRO A 176 -31.89 26.06 25.49
CA PRO A 176 -33.27 25.65 25.23
C PRO A 176 -33.30 24.29 24.53
N PRO A 177 -34.21 23.39 24.90
CA PRO A 177 -34.30 22.08 24.27
C PRO A 177 -34.29 22.18 22.74
N GLU A 178 -34.79 23.30 22.22
CA GLU A 178 -34.84 23.53 20.78
C GLU A 178 -33.44 23.80 20.22
N GLN A 179 -32.45 23.90 21.10
CA GLN A 179 -31.11 24.35 20.71
C GLN A 179 -29.98 23.50 21.28
N LYS A 180 -30.31 22.32 21.79
CA LYS A 180 -29.27 21.43 22.32
C LYS A 180 -28.50 20.75 21.18
N ILE A 181 -27.23 20.44 21.45
CA ILE A 181 -26.43 19.70 20.50
C ILE A 181 -26.64 18.20 20.72
N ARG A 182 -27.16 17.52 19.70
CA ARG A 182 -27.31 16.06 19.75
C ARG A 182 -25.94 15.41 19.76
N VAL A 183 -25.79 14.33 20.53
CA VAL A 183 -24.49 13.67 20.65
C VAL A 183 -24.57 12.16 20.38
N SER A 184 -23.63 11.64 19.60
CA SER A 184 -23.51 10.20 19.40
C SER A 184 -22.09 9.68 19.64
N VAL A 185 -22.00 8.42 20.02
CA VAL A 185 -20.76 7.79 20.41
C VAL A 185 -20.63 6.42 19.75
N GLU A 186 -19.46 6.10 19.22
CA GLU A 186 -19.21 4.76 18.69
C GLU A 186 -18.26 3.99 19.57
N VAL A 187 -18.71 2.84 20.06
CA VAL A 187 -17.84 1.92 20.76
C VAL A 187 -17.62 0.70 19.86
N GLU A 188 -16.43 0.60 19.29
CA GLU A 188 -16.21 -0.41 18.28
C GLU A 188 -15.17 -1.47 18.62
N LYS A 189 -14.22 -1.14 19.49
CA LYS A 189 -13.21 -2.13 19.81
C LYS A 189 -13.47 -2.77 21.17
N PRO A 190 -13.30 -4.10 21.26
CA PRO A 190 -13.51 -4.81 22.53
C PRO A 190 -12.42 -4.39 23.51
N ARG A 191 -12.62 -3.24 24.12
CA ARG A 191 -11.55 -2.63 24.91
C ARG A 191 -12.10 -1.92 26.14
N GLU A 192 -11.77 -2.49 27.29
CA GLU A 192 -12.23 -2.01 28.59
C GLU A 192 -12.31 -0.49 28.72
N GLU A 193 -11.23 0.21 28.39
CA GLU A 193 -11.17 1.66 28.60
C GLU A 193 -12.35 2.34 27.94
N LEU A 194 -12.85 1.75 26.86
CA LEU A 194 -13.89 2.38 26.05
C LEU A 194 -15.31 2.26 26.61
N PHE A 195 -15.54 1.27 27.47
CA PHE A 195 -16.88 1.01 27.97
C PHE A 195 -17.46 2.17 28.78
N GLN A 196 -16.59 3.00 29.35
CA GLN A 196 -17.08 4.17 30.07
C GLN A 196 -17.87 5.08 29.14
N LEU A 197 -17.66 4.93 27.83
CA LEU A 197 -18.30 5.80 26.84
C LEU A 197 -19.79 5.49 26.62
N PHE A 198 -20.20 4.25 26.88
CA PHE A 198 -21.61 3.87 26.84
C PHE A 198 -22.44 4.92 27.54
N GLY A 199 -21.91 5.45 28.64
CA GLY A 199 -22.66 6.33 29.52
C GLY A 199 -22.91 7.73 29.00
N TYR A 200 -22.47 8.01 27.78
CA TYR A 200 -22.62 9.35 27.23
C TYR A 200 -23.30 9.32 25.88
N GLY A 201 -23.97 10.41 25.53
CA GLY A 201 -24.58 10.54 24.22
C GLY A 201 -26.03 10.11 24.14
N ASP A 202 -26.78 10.79 23.29
CA ASP A 202 -28.16 10.44 22.98
C ASP A 202 -28.25 9.10 22.24
N VAL A 203 -27.30 8.86 21.34
CA VAL A 203 -27.24 7.64 20.56
C VAL A 203 -25.89 6.96 20.74
N VAL A 204 -25.92 5.67 21.03
CA VAL A 204 -24.69 4.91 21.19
C VAL A 204 -24.65 3.74 20.20
N PHE A 205 -23.61 3.73 19.37
CA PHE A 205 -23.37 2.65 18.42
C PHE A 205 -22.38 1.66 19.03
N VAL A 206 -22.77 0.39 19.08
CA VAL A 206 -21.88 -0.67 19.53
C VAL A 206 -21.75 -1.74 18.46
N SER A 207 -20.54 -2.24 18.26
CA SER A 207 -20.25 -3.18 17.18
C SER A 207 -20.48 -4.63 17.56
N LYS A 208 -20.73 -5.43 16.53
CA LYS A 208 -20.87 -6.87 16.64
C LYS A 208 -19.63 -7.48 17.31
N ASP A 209 -18.45 -6.91 17.03
CA ASP A 209 -17.22 -7.45 17.58
C ASP A 209 -17.19 -7.26 19.10
N VAL A 210 -17.57 -6.07 19.54
CA VAL A 210 -17.69 -5.79 20.97
C VAL A 210 -18.72 -6.73 21.60
N ALA A 211 -19.91 -6.75 21.02
CA ALA A 211 -20.99 -7.56 21.55
C ALA A 211 -20.54 -8.99 21.70
N LYS A 212 -19.94 -9.53 20.65
CA LYS A 212 -19.47 -10.90 20.70
C LYS A 212 -18.44 -11.09 21.81
N HIS A 213 -17.54 -10.13 21.96
CA HIS A 213 -16.52 -10.19 23.00
C HIS A 213 -17.10 -10.17 24.41
N LEU A 214 -18.35 -9.75 24.52
CA LEU A 214 -19.04 -9.74 25.81
C LEU A 214 -20.00 -10.92 25.96
N GLY A 215 -19.93 -11.86 25.02
CA GLY A 215 -20.71 -13.08 25.11
C GLY A 215 -22.06 -13.14 24.41
N PHE A 216 -22.40 -12.09 23.66
CA PHE A 216 -23.70 -11.98 22.98
C PHE A 216 -23.64 -12.47 21.53
N GLN A 217 -24.69 -13.16 21.07
CA GLN A 217 -24.64 -13.80 19.76
C GLN A 217 -25.63 -13.21 18.76
N SER A 218 -26.29 -12.12 19.13
CA SER A 218 -27.15 -11.41 18.19
C SER A 218 -27.28 -9.96 18.62
N ALA A 219 -27.72 -9.12 17.69
CA ALA A 219 -27.99 -7.74 17.99
C ALA A 219 -29.01 -7.58 19.12
N GLU A 220 -30.04 -8.42 19.12
CA GLU A 220 -31.09 -8.25 20.13
C GLU A 220 -30.62 -8.61 21.53
N GLU A 221 -29.83 -9.68 21.63
CA GLU A 221 -29.29 -10.10 22.92
C GLU A 221 -28.29 -9.04 23.45
N ALA A 222 -27.49 -8.50 22.55
CA ALA A 222 -26.53 -7.46 22.93
C ALA A 222 -27.23 -6.23 23.46
N LEU A 223 -28.32 -5.83 22.81
CA LEU A 223 -29.08 -4.67 23.24
C LEU A 223 -29.68 -4.84 24.64
N ARG A 224 -30.29 -6.00 24.88
CA ARG A 224 -30.83 -6.30 26.21
C ARG A 224 -29.71 -6.33 27.25
N GLY A 225 -28.61 -6.97 26.90
CA GLY A 225 -27.48 -7.10 27.81
C GLY A 225 -26.77 -5.80 28.15
N LEU A 226 -26.85 -4.80 27.27
CA LEU A 226 -26.03 -3.62 27.42
C LEU A 226 -26.80 -2.33 27.68
N TYR A 227 -28.12 -2.37 27.57
CA TYR A 227 -28.88 -1.13 27.70
C TYR A 227 -28.71 -0.51 29.08
N GLY A 228 -28.41 -1.36 30.06
CA GLY A 228 -28.21 -0.88 31.42
C GLY A 228 -27.10 0.14 31.54
N ARG A 229 -26.13 0.08 30.62
CA ARG A 229 -24.95 0.92 30.71
C ARG A 229 -25.12 2.32 30.12
N VAL A 230 -26.17 2.53 29.33
CA VAL A 230 -26.36 3.83 28.72
C VAL A 230 -27.06 4.78 29.68
N ARG A 231 -27.06 6.07 29.36
CA ARG A 231 -27.67 7.05 30.23
C ARG A 231 -29.15 7.21 29.91
N LYS A 232 -29.94 7.52 30.92
CA LYS A 232 -31.38 7.68 30.76
C LYS A 232 -31.72 8.45 29.48
N GLY A 233 -32.67 7.90 28.71
CA GLY A 233 -33.15 8.57 27.49
C GLY A 233 -32.41 8.23 26.21
N ALA A 234 -31.31 7.49 26.32
CA ALA A 234 -30.44 7.22 25.18
C ALA A 234 -30.91 6.04 24.34
N VAL A 235 -30.65 6.12 23.04
CA VAL A 235 -30.93 5.01 22.14
C VAL A 235 -29.65 4.22 21.92
N LEU A 236 -29.73 2.92 22.17
CA LEU A 236 -28.61 2.03 21.91
C LEU A 236 -28.81 1.34 20.55
N VAL A 237 -27.75 1.31 19.74
CA VAL A 237 -27.82 0.78 18.38
C VAL A 237 -26.72 -0.26 18.13
N CYS A 238 -27.10 -1.40 17.58
CA CYS A 238 -26.14 -2.45 17.22
C CYS A 238 -26.38 -3.00 15.80
N ALA A 239 -25.47 -2.68 14.88
CA ALA A 239 -25.55 -3.23 13.53
C ALA A 239 -24.89 -4.60 13.49
N TRP A 240 -25.34 -5.45 12.58
CA TRP A 240 -24.88 -6.83 12.58
C TRP A 240 -24.80 -7.36 11.14
N ALA A 241 -23.98 -6.69 10.33
CA ALA A 241 -23.65 -7.19 9.01
C ALA A 241 -24.91 -7.55 8.22
N GLU A 242 -24.95 -8.75 7.64
CA GLU A 242 -26.05 -9.12 6.78
C GLU A 242 -27.34 -9.41 7.56
N GLU A 243 -27.29 -9.29 8.88
CA GLU A 243 -28.49 -9.44 9.68
C GLU A 243 -29.21 -8.10 9.82
N GLY A 244 -28.61 -7.06 9.25
CA GLY A 244 -29.19 -5.73 9.39
C GLY A 244 -28.75 -5.08 10.68
N ALA A 245 -29.71 -4.56 11.43
CA ALA A 245 -29.38 -3.78 12.61
C ALA A 245 -30.58 -3.71 13.51
N ASP A 246 -30.32 -3.50 14.80
CA ASP A 246 -31.36 -3.35 15.81
C ASP A 246 -31.06 -2.12 16.64
N ALA A 247 -32.10 -1.58 17.27
CA ALA A 247 -31.96 -0.46 18.19
C ALA A 247 -32.89 -0.65 19.40
N LEU A 248 -32.59 0.03 20.50
CA LEU A 248 -33.39 -0.09 21.70
C LEU A 248 -33.38 1.24 22.44
N GLY A 249 -34.56 1.80 22.66
CA GLY A 249 -34.67 3.08 23.35
C GLY A 249 -35.24 2.97 24.76
N PRO A 250 -35.56 4.14 25.36
CA PRO A 250 -36.08 4.26 26.73
C PRO A 250 -37.36 3.45 26.94
N ASP A 251 -38.20 3.36 25.91
CA ASP A 251 -39.47 2.67 26.02
C ASP A 251 -39.36 1.15 26.06
N GLY A 252 -38.16 0.61 25.85
CA GLY A 252 -37.96 -0.82 25.99
C GLY A 252 -38.44 -1.65 24.81
N LYS A 253 -38.87 -0.97 23.75
CA LYS A 253 -39.28 -1.67 22.54
C LYS A 253 -38.08 -1.90 21.63
N LEU A 254 -37.82 -3.17 21.35
CA LEU A 254 -36.77 -3.53 20.43
C LEU A 254 -37.18 -3.14 19.01
N LEU A 255 -36.27 -2.51 18.27
CA LEU A 255 -36.54 -2.18 16.87
C LEU A 255 -35.51 -2.90 15.98
N HIS A 256 -35.96 -3.35 14.81
CA HIS A 256 -35.11 -4.09 13.87
C HIS A 256 -35.26 -3.58 12.42
N SER A 257 -34.19 -3.68 11.64
CA SER A 257 -34.25 -3.46 10.21
C SER A 257 -33.53 -4.61 9.51
N ASP A 258 -34.17 -5.23 8.51
CA ASP A 258 -33.43 -6.16 7.67
C ASP A 258 -32.40 -5.33 6.92
N ALA A 259 -31.34 -6.01 6.52
CA ALA A 259 -30.33 -5.48 5.63
C ALA A 259 -30.94 -5.27 4.24
N PHE A 260 -30.21 -4.50 3.41
CA PHE A 260 -30.50 -4.38 1.99
C PHE A 260 -29.31 -4.92 1.19
N PRO A 261 -29.05 -6.24 1.26
CA PRO A 261 -27.86 -6.73 0.56
C PRO A 261 -28.00 -6.58 -0.95
N PRO A 262 -26.94 -6.10 -1.61
CA PRO A 262 -26.91 -6.05 -3.07
C PRO A 262 -26.75 -7.50 -3.58
N PRO A 263 -27.18 -7.78 -4.81
CA PRO A 263 -27.07 -9.14 -5.33
C PRO A 263 -25.62 -9.63 -5.31
N ARG A 264 -24.68 -8.74 -5.61
CA ARG A 264 -23.24 -9.02 -5.48
C ARG A 264 -22.57 -8.14 -4.42
N VAL A 265 -22.24 -8.71 -3.27
CA VAL A 265 -21.45 -7.98 -2.29
C VAL A 265 -19.97 -7.98 -2.71
N VAL A 266 -19.45 -6.80 -3.06
CA VAL A 266 -18.08 -6.67 -3.54
C VAL A 266 -17.11 -5.86 -2.64
N ASP A 267 -17.64 -5.13 -1.64
CA ASP A 267 -16.78 -4.26 -0.81
C ASP A 267 -17.46 -3.76 0.45
N THR A 268 -17.15 -4.38 1.57
CA THR A 268 -17.77 -3.99 2.82
C THR A 268 -16.91 -3.07 3.68
N LEU A 269 -15.76 -2.65 3.15
CA LEU A 269 -14.90 -1.73 3.87
C LEU A 269 -15.63 -0.39 4.07
N GLY A 270 -15.80 0.04 5.31
CA GLY A 270 -16.54 1.26 5.61
C GLY A 270 -18.06 1.15 5.62
N ALA A 271 -18.59 -0.08 5.56
CA ALA A 271 -20.04 -0.26 5.65
C ALA A 271 -20.59 0.22 7.00
N GLY A 272 -19.94 -0.20 8.08
CA GLY A 272 -20.25 0.29 9.41
C GLY A 272 -20.31 1.82 9.51
N ASP A 273 -19.34 2.49 8.89
CA ASP A 273 -19.29 3.95 8.93
C ASP A 273 -20.38 4.55 8.06
N THR A 274 -20.72 3.87 6.97
CA THR A 274 -21.80 4.31 6.10
C THR A 274 -23.12 4.21 6.85
N PHE A 275 -23.30 3.11 7.57
CA PHE A 275 -24.47 2.93 8.42
C PHE A 275 -24.57 4.02 9.51
N ASN A 276 -23.52 4.23 10.29
CA ASN A 276 -23.55 5.23 11.35
C ASN A 276 -23.91 6.62 10.81
N ALA A 277 -23.20 7.02 9.76
CA ALA A 277 -23.42 8.32 9.16
C ALA A 277 -24.87 8.46 8.75
N SER A 278 -25.43 7.40 8.18
CA SER A 278 -26.82 7.43 7.69
C SER A 278 -27.84 7.50 8.82
N VAL A 279 -27.59 6.78 9.91
CA VAL A 279 -28.46 6.87 11.07
C VAL A 279 -28.44 8.30 11.64
N ILE A 280 -27.24 8.85 11.82
CA ILE A 280 -27.07 10.19 12.34
C ILE A 280 -27.81 11.18 11.46
N PHE A 281 -27.59 11.07 10.15
CA PHE A 281 -28.24 11.97 9.22
C PHE A 281 -29.74 11.92 9.34
N SER A 282 -30.26 10.70 9.41
CA SER A 282 -31.69 10.49 9.40
C SER A 282 -32.27 11.06 10.70
N LEU A 283 -31.64 10.74 11.81
CA LEU A 283 -32.07 11.25 13.10
C LEU A 283 -31.99 12.79 13.14
N SER A 284 -30.86 13.35 12.73
CA SER A 284 -30.70 14.79 12.67
C SER A 284 -31.78 15.46 11.79
N GLN A 285 -32.40 14.69 10.91
CA GLN A 285 -33.42 15.25 10.01
C GLN A 285 -34.82 15.10 10.58
N GLY A 286 -34.90 14.56 11.80
CA GLY A 286 -36.17 14.43 12.50
C GLY A 286 -36.88 13.09 12.38
N ARG A 287 -36.28 12.10 11.72
CA ARG A 287 -37.00 10.86 11.50
C ARG A 287 -37.03 10.02 12.76
N SER A 288 -37.97 9.08 12.84
CA SER A 288 -37.98 8.13 13.96
C SER A 288 -36.76 7.24 13.93
N VAL A 289 -36.49 6.59 15.05
CA VAL A 289 -35.45 5.58 15.17
C VAL A 289 -35.69 4.41 14.20
N GLN A 290 -36.91 3.91 14.14
CA GLN A 290 -37.23 2.88 13.17
C GLN A 290 -36.83 3.30 11.76
N GLU A 291 -37.24 4.49 11.34
CA GLU A 291 -36.91 4.98 10.00
C GLU A 291 -35.41 5.14 9.79
N ALA A 292 -34.72 5.66 10.81
CA ALA A 292 -33.27 5.86 10.74
C ALA A 292 -32.50 4.53 10.64
N LEU A 293 -32.90 3.53 11.42
CA LEU A 293 -32.31 2.19 11.33
C LEU A 293 -32.33 1.70 9.90
N ARG A 294 -33.49 1.81 9.31
CA ARG A 294 -33.78 1.34 7.98
C ARG A 294 -32.98 2.09 6.90
N PHE A 295 -32.90 3.42 7.04
CA PHE A 295 -32.13 4.22 6.10
C PHE A 295 -30.66 3.86 6.24
N GLY A 296 -30.22 3.64 7.46
CA GLY A 296 -28.86 3.20 7.69
C GLY A 296 -28.53 1.94 6.90
N CYS A 297 -29.39 0.94 7.01
CA CYS A 297 -29.18 -0.32 6.30
C CYS A 297 -29.31 -0.13 4.79
N GLN A 298 -30.23 0.72 4.39
CA GLN A 298 -30.46 0.93 2.98
C GLN A 298 -29.20 1.46 2.31
N VAL A 299 -28.56 2.45 2.95
CA VAL A 299 -27.37 3.10 2.39
C VAL A 299 -26.11 2.23 2.51
N ALA A 300 -25.96 1.58 3.65
CA ALA A 300 -24.84 0.68 3.89
C ALA A 300 -24.90 -0.53 2.94
N GLY A 301 -26.10 -1.10 2.76
CA GLY A 301 -26.27 -2.21 1.83
C GLY A 301 -25.90 -1.79 0.43
N LYS A 302 -26.41 -0.64 0.02
CA LYS A 302 -26.03 -0.09 -1.28
C LYS A 302 -24.50 0.09 -1.46
N LYS A 303 -23.82 0.60 -0.44
CA LYS A 303 -22.38 0.77 -0.50
C LYS A 303 -21.65 -0.57 -0.67
N CYS A 304 -22.20 -1.64 -0.08
CA CYS A 304 -21.59 -2.96 -0.13
C CYS A 304 -21.58 -3.48 -1.56
N GLY A 305 -22.39 -2.87 -2.41
CA GLY A 305 -22.44 -3.28 -3.80
C GLY A 305 -21.48 -2.49 -4.67
N LEU A 306 -20.72 -1.60 -4.07
CA LEU A 306 -19.85 -0.70 -4.85
C LEU A 306 -18.44 -0.66 -4.27
N GLN A 307 -17.44 -0.43 -5.12
CA GLN A 307 -16.09 -0.16 -4.64
C GLN A 307 -16.05 1.31 -4.20
N GLY A 308 -15.74 1.56 -2.94
CA GLY A 308 -15.69 2.93 -2.44
C GLY A 308 -17.06 3.53 -2.11
N PHE A 309 -17.15 4.86 -2.17
CA PHE A 309 -18.35 5.54 -1.68
C PHE A 309 -19.13 6.26 -2.78
N ASP A 310 -18.46 6.64 -3.86
CA ASP A 310 -19.16 7.23 -5.00
C ASP A 310 -20.35 6.40 -5.45
N GLY A 311 -21.50 7.03 -5.57
CA GLY A 311 -22.62 6.35 -6.18
C GLY A 311 -23.59 5.66 -5.24
N ILE A 312 -23.38 5.83 -3.93
CA ILE A 312 -24.40 5.43 -2.97
C ILE A 312 -25.52 6.45 -3.03
N VAL A 313 -25.33 7.47 -3.87
CA VAL A 313 -26.30 8.54 -4.02
C VAL A 313 -26.51 8.91 -5.48
N GLY B 13 19.37 18.85 -16.92
CA GLY B 13 20.76 19.27 -16.99
C GLY B 13 21.50 18.55 -18.11
N LEU B 14 22.69 19.05 -18.44
CA LEU B 14 23.58 18.45 -19.43
C LEU B 14 24.19 17.14 -18.93
N VAL B 15 24.03 16.07 -19.72
CA VAL B 15 24.61 14.78 -19.40
C VAL B 15 25.73 14.50 -20.40
N PRO B 16 26.96 14.34 -19.91
CA PRO B 16 28.03 14.12 -20.89
C PRO B 16 27.82 12.86 -21.72
N ARG B 17 28.21 12.94 -22.98
CA ARG B 17 28.15 11.82 -23.91
C ARG B 17 28.80 10.57 -23.30
N GLY B 18 28.14 9.42 -23.42
CA GLY B 18 28.72 8.14 -23.03
C GLY B 18 29.10 8.02 -21.56
N SER B 19 28.30 8.61 -20.67
CA SER B 19 28.65 8.69 -19.26
C SER B 19 27.76 7.83 -18.36
N GLN B 20 26.54 7.55 -18.79
CA GLN B 20 25.55 6.92 -17.91
C GLN B 20 25.30 5.46 -18.19
N ILE B 21 24.86 4.75 -17.16
CA ILE B 21 24.38 3.40 -17.30
C ILE B 21 22.86 3.42 -17.14
N LEU B 22 22.17 2.88 -18.12
CA LEU B 22 20.72 2.88 -18.13
C LEU B 22 20.17 1.51 -17.73
N CYS B 23 19.20 1.50 -16.82
CA CYS B 23 18.51 0.28 -16.50
C CYS B 23 17.04 0.41 -16.86
N VAL B 24 16.58 -0.51 -17.70
CA VAL B 24 15.21 -0.53 -18.17
C VAL B 24 14.48 -1.67 -17.50
N GLY B 25 13.39 -1.35 -16.82
CA GLY B 25 12.60 -2.38 -16.16
C GLY B 25 11.47 -1.85 -15.29
N LEU B 26 11.11 -2.66 -14.30
CA LEU B 26 10.01 -2.38 -13.39
C LEU B 26 10.43 -1.50 -12.21
N VAL B 27 9.55 -0.57 -11.83
CA VAL B 27 9.64 0.07 -10.53
C VAL B 27 8.28 -0.13 -9.87
N VAL B 28 8.28 -0.46 -8.58
CA VAL B 28 7.06 -0.77 -7.87
C VAL B 28 7.15 -0.19 -6.46
N LEU B 29 6.02 0.23 -5.91
CA LEU B 29 5.96 0.61 -4.50
C LEU B 29 5.60 -0.63 -3.69
N ASP B 30 6.50 -1.03 -2.81
CA ASP B 30 6.22 -2.17 -1.92
C ASP B 30 5.83 -1.67 -0.54
N VAL B 31 4.65 -2.09 -0.08
CA VAL B 31 4.22 -1.77 1.26
C VAL B 31 4.42 -3.03 2.08
N ILE B 32 5.21 -2.90 3.15
CA ILE B 32 5.63 -4.07 3.91
C ILE B 32 5.19 -3.94 5.35
N SER B 33 4.41 -4.92 5.79
CA SER B 33 3.84 -4.94 7.14
C SER B 33 4.34 -6.15 7.91
N LEU B 34 4.84 -5.91 9.11
CA LEU B 34 5.26 -6.99 9.98
C LEU B 34 4.16 -7.24 11.00
N VAL B 35 3.74 -8.49 11.16
CA VAL B 35 2.62 -8.80 12.05
C VAL B 35 2.91 -9.97 13.00
N ASP B 36 2.22 -10.00 14.14
CA ASP B 36 2.33 -11.11 15.07
C ASP B 36 1.92 -12.40 14.38
N LYS B 37 0.75 -12.36 13.75
CA LYS B 37 0.24 -13.54 13.09
C LYS B 37 -0.52 -13.16 11.83
N TYR B 38 -0.51 -14.06 10.86
CA TYR B 38 -1.23 -13.86 9.62
C TYR B 38 -2.70 -13.54 9.91
N PRO B 39 -3.21 -12.44 9.33
CA PRO B 39 -4.58 -12.03 9.60
C PRO B 39 -5.56 -13.01 8.97
N LYS B 40 -6.59 -13.38 9.71
CA LYS B 40 -7.70 -14.15 9.14
C LYS B 40 -8.52 -13.24 8.23
N GLU B 41 -9.03 -13.81 7.15
CA GLU B 41 -9.87 -13.04 6.25
C GLU B 41 -10.98 -12.31 6.99
N ASP B 42 -11.17 -11.05 6.63
CA ASP B 42 -12.21 -10.19 7.19
C ASP B 42 -11.93 -9.75 8.62
N SER B 43 -10.67 -9.78 9.02
CA SER B 43 -10.29 -9.22 10.31
C SER B 43 -9.52 -7.90 10.17
N GLU B 44 -9.38 -7.18 11.28
CA GLU B 44 -8.61 -5.96 11.32
C GLU B 44 -7.52 -6.16 12.37
N ILE B 45 -6.26 -5.93 12.00
CA ILE B 45 -5.18 -6.09 12.97
C ILE B 45 -4.21 -4.91 12.96
N ARG B 46 -3.50 -4.75 14.06
CA ARG B 46 -2.41 -3.79 14.17
C ARG B 46 -1.12 -4.50 13.78
N CYS B 47 -0.32 -3.87 12.94
CA CYS B 47 0.97 -4.44 12.60
C CYS B 47 2.00 -3.94 13.61
N LEU B 48 3.14 -4.64 13.68
CA LEU B 48 4.23 -4.21 14.53
C LEU B 48 4.97 -3.05 13.88
N SER B 49 5.11 -3.12 12.56
CA SER B 49 5.68 -2.02 11.76
C SER B 49 5.24 -2.11 10.31
N GLN B 50 5.32 -1.00 9.61
CA GLN B 50 4.93 -0.95 8.21
C GLN B 50 5.86 0.00 7.48
N ARG B 51 6.26 -0.37 6.27
CA ARG B 51 7.28 0.36 5.52
C ARG B 51 6.89 0.52 4.06
N TRP B 52 7.11 1.71 3.51
CA TRP B 52 6.98 1.89 2.08
C TRP B 52 8.36 1.88 1.49
N GLN B 53 8.57 1.04 0.48
CA GLN B 53 9.88 0.88 -0.17
C GLN B 53 9.75 0.94 -1.67
N ARG B 54 10.78 1.44 -2.33
CA ARG B 54 10.88 1.34 -3.77
C ARG B 54 11.50 -0.01 -4.13
N GLY B 55 10.83 -0.78 -4.99
CA GLY B 55 11.28 -2.10 -5.36
C GLY B 55 11.32 -2.25 -6.86
N GLY B 56 11.56 -3.47 -7.33
CA GLY B 56 11.71 -3.76 -8.75
C GLY B 56 13.17 -3.98 -9.12
N ASN B 57 13.44 -4.90 -10.06
CA ASN B 57 14.82 -5.28 -10.37
C ASN B 57 15.66 -4.17 -10.95
N ALA B 58 15.17 -3.52 -12.02
CA ALA B 58 15.93 -2.44 -12.63
C ALA B 58 16.10 -1.31 -11.64
N SER B 59 15.05 -1.06 -10.86
CA SER B 59 15.05 0.00 -9.86
C SER B 59 16.13 -0.26 -8.81
N ASN B 60 16.12 -1.46 -8.23
CA ASN B 60 17.13 -1.86 -7.25
C ASN B 60 18.53 -1.68 -7.81
N SER B 61 18.73 -2.15 -9.03
CA SER B 61 20.02 -2.03 -9.67
C SER B 61 20.50 -0.59 -9.79
N CYS B 62 19.61 0.32 -10.20
CA CYS B 62 19.96 1.75 -10.25
C CYS B 62 20.46 2.29 -8.92
N THR B 63 19.75 1.99 -7.83
CA THR B 63 20.24 2.37 -6.49
C THR B 63 21.69 1.91 -6.25
N VAL B 64 21.99 0.66 -6.58
CA VAL B 64 23.32 0.11 -6.30
C VAL B 64 24.38 0.80 -7.16
N LEU B 65 24.08 0.99 -8.43
CA LEU B 65 24.97 1.75 -9.32
C LEU B 65 25.30 3.15 -8.82
N SER B 66 24.31 3.88 -8.34
CA SER B 66 24.56 5.18 -7.73
C SER B 66 25.48 5.13 -6.52
N LEU B 67 25.22 4.19 -5.62
CA LEU B 67 26.06 4.02 -4.44
C LEU B 67 27.49 3.61 -4.81
N LEU B 68 27.63 2.89 -5.92
CA LEU B 68 28.94 2.51 -6.44
C LEU B 68 29.72 3.67 -7.05
N GLY B 69 29.02 4.76 -7.38
CA GLY B 69 29.68 5.93 -7.95
C GLY B 69 29.48 6.08 -9.45
N ALA B 70 28.54 5.35 -10.02
CA ALA B 70 28.21 5.51 -11.44
C ALA B 70 27.01 6.46 -11.64
N PRO B 71 27.09 7.34 -12.66
CA PRO B 71 25.90 8.08 -13.10
C PRO B 71 24.93 7.07 -13.68
N CYS B 72 23.66 7.10 -13.30
CA CYS B 72 22.76 6.12 -13.84
C CYS B 72 21.36 6.64 -13.94
N ALA B 73 20.61 6.04 -14.85
CA ALA B 73 19.31 6.52 -15.22
C ALA B 73 18.38 5.34 -15.20
N PHE B 74 17.13 5.62 -14.88
CA PHE B 74 16.15 4.56 -14.90
C PHE B 74 15.13 4.83 -16.00
N MET B 75 14.81 3.79 -16.75
CA MET B 75 13.67 3.88 -17.66
C MET B 75 12.63 2.79 -17.36
N GLY B 76 11.42 3.21 -17.04
CA GLY B 76 10.34 2.30 -16.79
C GLY B 76 9.05 3.10 -16.84
N SER B 77 7.91 2.43 -16.70
CA SER B 77 6.62 3.09 -16.78
C SER B 77 6.11 3.59 -15.43
N MET B 78 5.54 4.78 -15.42
CA MET B 78 4.76 5.22 -14.26
C MET B 78 3.55 6.01 -14.73
N ALA B 79 2.59 6.21 -13.82
CA ALA B 79 1.46 7.09 -14.08
C ALA B 79 1.48 8.21 -13.05
N PRO B 80 1.13 9.44 -13.48
CA PRO B 80 1.09 10.59 -12.57
C PRO B 80 0.24 10.27 -11.35
N GLY B 81 0.65 10.77 -10.18
CA GLY B 81 -0.02 10.37 -8.95
C GLY B 81 0.92 10.35 -7.77
N HIS B 82 0.35 10.06 -6.61
CA HIS B 82 1.09 10.07 -5.37
C HIS B 82 2.03 8.86 -5.21
N VAL B 83 1.68 7.74 -5.81
CA VAL B 83 2.57 6.58 -5.80
C VAL B 83 3.84 6.94 -6.57
N ALA B 84 3.68 7.45 -7.78
CA ALA B 84 4.83 7.81 -8.59
C ALA B 84 5.66 8.90 -7.90
N ASP B 85 5.00 9.80 -7.16
CA ASP B 85 5.70 10.88 -6.49
C ASP B 85 6.63 10.32 -5.42
N PHE B 86 6.12 9.37 -4.65
CA PHE B 86 6.93 8.73 -3.64
C PHE B 86 8.12 8.02 -4.30
N LEU B 87 7.82 7.25 -5.34
CA LEU B 87 8.85 6.53 -6.07
C LEU B 87 9.92 7.44 -6.71
N VAL B 88 9.48 8.55 -7.32
CA VAL B 88 10.39 9.53 -7.92
C VAL B 88 11.26 10.18 -6.84
N ALA B 89 10.64 10.58 -5.74
CA ALA B 89 11.43 11.15 -4.66
C ALA B 89 12.43 10.13 -4.09
N ASP B 90 12.08 8.84 -4.10
CA ASP B 90 12.98 7.82 -3.56
C ASP B 90 14.16 7.53 -4.52
N PHE B 91 13.85 7.43 -5.80
CA PHE B 91 14.89 7.46 -6.85
C PHE B 91 15.91 8.58 -6.64
N ARG B 92 15.40 9.81 -6.51
CA ARG B 92 16.26 11.00 -6.38
C ARG B 92 17.04 11.01 -5.07
N ARG B 93 16.42 10.51 -4.02
CA ARG B 93 17.09 10.32 -2.74
C ARG B 93 18.34 9.45 -2.92
N ARG B 94 18.28 8.52 -3.88
CA ARG B 94 19.41 7.65 -4.23
C ARG B 94 20.25 8.16 -5.42
N GLY B 95 20.01 9.39 -5.88
CA GLY B 95 20.83 9.96 -6.96
C GLY B 95 20.55 9.37 -8.34
N VAL B 96 19.38 8.78 -8.52
CA VAL B 96 19.04 8.20 -9.80
C VAL B 96 18.34 9.21 -10.71
N ASP B 97 18.81 9.30 -11.95
CA ASP B 97 18.23 10.19 -12.97
C ASP B 97 16.94 9.55 -13.51
N VAL B 98 15.81 10.24 -13.34
CA VAL B 98 14.50 9.72 -13.76
C VAL B 98 13.93 10.36 -15.04
N SER B 99 14.73 11.16 -15.73
CA SER B 99 14.22 11.88 -16.90
C SER B 99 13.76 10.99 -18.06
N GLN B 100 14.02 9.69 -18.02
CA GLN B 100 13.61 8.81 -19.12
C GLN B 100 12.39 8.02 -18.75
N VAL B 101 11.80 8.29 -17.59
CA VAL B 101 10.57 7.59 -17.26
C VAL B 101 9.57 7.73 -18.40
N ALA B 102 8.83 6.66 -18.68
CA ALA B 102 7.80 6.68 -19.69
C ALA B 102 6.48 6.91 -19.00
N TRP B 103 6.04 8.17 -18.94
CA TRP B 103 4.80 8.50 -18.25
C TRP B 103 3.56 8.06 -19.03
N GLN B 104 2.56 7.58 -18.32
CA GLN B 104 1.43 6.91 -18.94
C GLN B 104 0.14 7.60 -18.56
N SER B 105 -0.79 7.68 -19.51
CA SER B 105 -2.10 8.26 -19.23
C SER B 105 -3.11 7.18 -18.82
N LYS B 106 -2.73 5.93 -19.03
CA LYS B 106 -3.61 4.81 -18.68
C LYS B 106 -2.92 3.87 -17.69
N GLY B 107 -3.62 3.48 -16.63
CA GLY B 107 -3.13 2.46 -15.71
C GLY B 107 -2.68 2.97 -14.35
N ASP B 108 -2.35 2.03 -13.48
CA ASP B 108 -1.87 2.32 -12.12
C ASP B 108 -0.35 2.11 -11.99
N THR B 109 0.32 3.04 -11.33
CA THR B 109 1.70 2.81 -10.97
C THR B 109 1.72 1.61 -10.01
N PRO B 110 2.52 0.58 -10.33
CA PRO B 110 2.57 -0.67 -9.56
C PRO B 110 2.83 -0.46 -8.07
N SER B 111 2.07 -1.17 -7.26
CA SER B 111 2.25 -1.17 -5.84
C SER B 111 1.92 -2.57 -5.37
N SER B 112 2.65 -3.07 -4.38
CA SER B 112 2.45 -4.43 -3.90
C SER B 112 2.33 -4.42 -2.41
N CYS B 113 1.56 -5.35 -1.89
CA CYS B 113 1.37 -5.46 -0.45
C CYS B 113 2.07 -6.73 0.02
N CYS B 114 2.91 -6.59 1.02
CA CYS B 114 3.63 -7.75 1.55
C CYS B 114 3.42 -7.87 3.06
N ILE B 115 3.02 -9.04 3.50
CA ILE B 115 2.74 -9.24 4.89
C ILE B 115 3.72 -10.26 5.41
N ILE B 116 4.52 -9.84 6.40
CA ILE B 116 5.57 -10.69 6.93
C ILE B 116 5.17 -11.17 8.32
N ASN B 117 5.15 -12.49 8.49
CA ASN B 117 4.82 -13.06 9.79
C ASN B 117 6.03 -13.04 10.70
N ASN B 118 5.92 -12.37 11.84
CA ASN B 118 7.06 -12.20 12.73
C ASN B 118 7.42 -13.48 13.50
N SER B 119 6.44 -14.33 13.72
CA SER B 119 6.66 -15.55 14.49
C SER B 119 6.84 -16.80 13.62
N ASN B 120 7.45 -16.65 12.45
CA ASN B 120 7.78 -17.78 11.59
C ASN B 120 8.37 -17.32 10.26
N GLY B 121 8.50 -16.01 10.12
CA GLY B 121 9.19 -15.39 9.00
C GLY B 121 8.51 -15.42 7.64
N ASN B 122 7.36 -16.07 7.54
CA ASN B 122 6.69 -16.20 6.23
C ASN B 122 6.25 -14.88 5.60
N ARG B 123 6.22 -14.85 4.27
CA ARG B 123 5.88 -13.66 3.54
C ARG B 123 4.70 -13.98 2.64
N THR B 124 3.59 -13.27 2.86
CA THR B 124 2.42 -13.40 2.00
C THR B 124 2.33 -12.16 1.13
N ILE B 125 2.20 -12.36 -0.19
CA ILE B 125 2.32 -11.25 -1.11
C ILE B 125 1.12 -11.04 -2.02
N VAL B 126 0.66 -9.79 -2.08
CA VAL B 126 -0.33 -9.39 -3.07
C VAL B 126 0.35 -8.52 -4.10
N LEU B 127 0.57 -9.08 -5.29
CA LEU B 127 1.31 -8.40 -6.35
C LEU B 127 0.50 -7.30 -7.00
N HIS B 128 1.23 -6.34 -7.55
CA HIS B 128 0.66 -5.22 -8.29
C HIS B 128 -0.21 -5.70 -9.45
N ASP B 129 -1.18 -4.86 -9.81
CA ASP B 129 -2.06 -5.22 -10.90
C ASP B 129 -1.38 -5.01 -12.26
N THR B 130 -2.06 -5.42 -13.32
CA THR B 130 -1.50 -5.47 -14.66
C THR B 130 -1.84 -4.23 -15.53
N SER B 131 -2.48 -3.24 -14.94
CA SER B 131 -3.07 -2.15 -15.73
C SER B 131 -2.10 -1.25 -16.50
N LEU B 132 -0.87 -1.09 -16.01
CA LEU B 132 0.07 -0.16 -16.64
C LEU B 132 0.80 -0.78 -17.82
N PRO B 133 0.88 -0.05 -18.94
CA PRO B 133 1.63 -0.55 -20.10
C PRO B 133 3.15 -0.52 -19.87
N ASP B 134 3.83 -1.57 -20.31
CA ASP B 134 5.28 -1.65 -20.26
C ASP B 134 5.90 -0.65 -21.22
N VAL B 135 7.18 -0.33 -21.03
CA VAL B 135 7.87 0.49 -22.01
C VAL B 135 7.84 -0.19 -23.37
N SER B 136 7.43 0.55 -24.40
CA SER B 136 7.30 -0.02 -25.75
C SER B 136 8.51 0.30 -26.61
N ALA B 137 8.67 -0.43 -27.69
CA ALA B 137 9.75 -0.15 -28.64
C ALA B 137 9.63 1.26 -29.24
N THR B 138 8.41 1.71 -29.48
CA THR B 138 8.21 3.08 -29.96
C THR B 138 8.57 4.11 -28.87
N ASP B 139 8.21 3.83 -27.63
CA ASP B 139 8.71 4.62 -26.49
C ASP B 139 10.24 4.72 -26.53
N PHE B 140 10.92 3.62 -26.83
CA PHE B 140 12.38 3.59 -26.76
C PHE B 140 13.04 4.28 -27.96
N GLU B 141 12.35 4.26 -29.11
CA GLU B 141 12.81 4.95 -30.32
C GLU B 141 13.12 6.41 -30.04
N LYS B 142 12.34 7.02 -29.16
CA LYS B 142 12.41 8.45 -28.89
C LYS B 142 13.61 8.83 -28.01
N VAL B 143 14.35 7.84 -27.54
CA VAL B 143 15.45 8.12 -26.62
C VAL B 143 16.77 8.25 -27.37
N ASP B 144 17.44 9.38 -27.19
CA ASP B 144 18.78 9.59 -27.69
C ASP B 144 19.74 8.78 -26.81
N LEU B 145 20.51 7.89 -27.43
CA LEU B 145 21.35 6.94 -26.72
C LEU B 145 22.76 7.43 -26.43
N THR B 146 23.17 8.54 -27.02
CA THR B 146 24.59 8.92 -26.98
C THR B 146 25.04 9.16 -25.55
N GLN B 147 24.06 9.41 -24.71
CA GLN B 147 24.23 9.61 -23.28
C GLN B 147 24.77 8.39 -22.54
N PHE B 148 24.49 7.21 -23.07
CA PHE B 148 24.71 5.99 -22.31
C PHE B 148 25.93 5.22 -22.78
N LYS B 149 26.69 4.69 -21.84
CA LYS B 149 27.82 3.82 -22.18
C LYS B 149 27.41 2.35 -22.00
N TRP B 150 26.32 2.11 -21.26
CA TRP B 150 25.89 0.75 -20.98
C TRP B 150 24.40 0.73 -20.83
N ILE B 151 23.74 -0.22 -21.45
CA ILE B 151 22.31 -0.32 -21.25
C ILE B 151 21.94 -1.70 -20.77
N HIS B 152 21.21 -1.77 -19.66
CA HIS B 152 20.83 -3.03 -19.06
C HIS B 152 19.32 -3.23 -19.12
N ILE B 153 18.88 -4.37 -19.64
CA ILE B 153 17.46 -4.60 -19.78
C ILE B 153 16.92 -5.76 -18.95
N GLU B 154 15.97 -5.47 -18.07
CA GLU B 154 15.25 -6.49 -17.34
C GLU B 154 14.15 -7.08 -18.24
N GLY B 155 14.33 -8.34 -18.62
CA GLY B 155 13.36 -9.03 -19.45
C GLY B 155 11.93 -9.02 -18.93
N ARG B 156 11.02 -8.44 -19.70
CA ARG B 156 9.62 -8.35 -19.27
C ARG B 156 8.71 -8.60 -20.47
N ASN B 157 8.48 -7.55 -21.26
CA ASN B 157 7.73 -7.66 -22.52
C ASN B 157 8.68 -7.95 -23.67
N ALA B 158 9.03 -9.22 -23.85
CA ALA B 158 10.17 -9.60 -24.71
C ALA B 158 10.11 -9.19 -26.18
N SER B 159 8.96 -9.38 -26.83
CA SER B 159 8.84 -9.01 -28.24
C SER B 159 9.16 -7.53 -28.48
N GLU B 160 8.68 -6.65 -27.61
CA GLU B 160 9.03 -5.23 -27.68
C GLU B 160 10.50 -4.99 -27.36
N GLN B 161 11.01 -5.67 -26.34
CA GLN B 161 12.40 -5.46 -25.91
C GLN B 161 13.40 -5.92 -26.96
N VAL B 162 13.02 -6.95 -27.71
CA VAL B 162 13.85 -7.38 -28.83
C VAL B 162 14.06 -6.24 -29.82
N LYS B 163 13.01 -5.49 -30.10
CA LYS B 163 13.14 -4.31 -30.98
C LYS B 163 14.09 -3.27 -30.40
N MET B 164 14.02 -3.02 -29.09
CA MET B 164 14.91 -2.06 -28.45
C MET B 164 16.35 -2.49 -28.63
N LEU B 165 16.59 -3.77 -28.39
CA LEU B 165 17.91 -4.37 -28.57
C LEU B 165 18.39 -4.24 -30.03
N GLN B 166 17.53 -4.55 -30.99
CA GLN B 166 17.90 -4.37 -32.39
C GLN B 166 18.23 -2.90 -32.66
N ARG B 167 17.53 -1.99 -32.01
CA ARG B 167 17.82 -0.57 -32.22
C ARG B 167 19.23 -0.24 -31.70
N ILE B 168 19.59 -0.78 -30.54
CA ILE B 168 20.93 -0.57 -29.97
C ILE B 168 22.01 -1.19 -30.86
N ASP B 169 21.71 -2.37 -31.38
CA ASP B 169 22.62 -2.99 -32.36
C ASP B 169 22.87 -2.10 -33.58
N ALA B 170 21.79 -1.52 -34.12
CA ALA B 170 21.93 -0.61 -35.27
C ALA B 170 22.79 0.60 -34.94
N HIS B 171 22.56 1.20 -33.77
CA HIS B 171 23.38 2.31 -33.31
C HIS B 171 24.88 1.97 -33.27
N ASN B 172 25.18 0.80 -32.72
CA ASN B 172 26.57 0.39 -32.51
C ASN B 172 27.32 0.09 -33.81
N THR B 173 26.63 -0.53 -34.75
CA THR B 173 27.22 -0.80 -36.06
C THR B 173 27.96 0.42 -36.63
N ARG B 174 27.41 1.60 -36.41
CA ARG B 174 27.99 2.83 -36.93
C ARG B 174 29.05 3.47 -36.05
N GLN B 175 29.29 2.93 -34.85
CA GLN B 175 30.22 3.60 -33.92
C GLN B 175 31.64 3.02 -33.94
N PRO B 176 32.63 3.90 -33.73
CA PRO B 176 33.98 3.47 -33.36
C PRO B 176 33.88 2.63 -32.09
N PRO B 177 34.77 1.64 -31.92
CA PRO B 177 34.74 0.73 -30.75
C PRO B 177 34.61 1.47 -29.41
N GLU B 178 35.19 2.67 -29.33
CA GLU B 178 35.23 3.43 -28.08
C GLU B 178 33.95 4.21 -27.82
N GLN B 179 32.97 4.06 -28.69
CA GLN B 179 31.67 4.66 -28.45
C GLN B 179 30.54 3.66 -28.64
N LYS B 180 30.89 2.38 -28.70
CA LYS B 180 29.86 1.36 -28.75
C LYS B 180 29.21 1.25 -27.38
N ILE B 181 27.90 1.13 -27.37
CA ILE B 181 27.17 0.97 -26.13
C ILE B 181 27.15 -0.51 -25.76
N ARG B 182 27.61 -0.83 -24.55
CA ARG B 182 27.60 -2.21 -24.06
C ARG B 182 26.20 -2.55 -23.62
N VAL B 183 25.78 -3.79 -23.85
CA VAL B 183 24.41 -4.17 -23.52
C VAL B 183 24.34 -5.41 -22.62
N SER B 184 23.47 -5.35 -21.62
CA SER B 184 23.21 -6.52 -20.80
C SER B 184 21.74 -6.76 -20.68
N VAL B 185 21.40 -8.01 -20.39
CA VAL B 185 20.03 -8.48 -20.31
C VAL B 185 19.89 -9.37 -19.08
N GLU B 186 18.74 -9.33 -18.43
CA GLU B 186 18.46 -10.24 -17.33
C GLU B 186 17.20 -11.04 -17.61
N VAL B 187 17.27 -12.34 -17.42
CA VAL B 187 16.11 -13.22 -17.55
C VAL B 187 15.89 -13.82 -16.18
N GLU B 188 14.83 -13.37 -15.52
CA GLU B 188 14.69 -13.62 -14.11
C GLU B 188 13.47 -14.46 -13.78
N LYS B 189 12.51 -14.46 -14.70
CA LYS B 189 11.29 -15.23 -14.54
C LYS B 189 11.30 -16.37 -15.54
N PRO B 190 10.83 -17.54 -15.13
CA PRO B 190 10.77 -18.69 -16.02
C PRO B 190 9.52 -18.62 -16.89
N ARG B 191 9.60 -17.85 -17.97
CA ARG B 191 8.50 -17.75 -18.92
C ARG B 191 9.10 -17.90 -20.29
N GLU B 192 8.53 -18.78 -21.10
CA GLU B 192 9.09 -19.09 -22.42
C GLU B 192 9.34 -17.87 -23.30
N GLU B 193 8.46 -16.88 -23.21
CA GLU B 193 8.61 -15.70 -24.06
C GLU B 193 9.95 -15.01 -23.80
N LEU B 194 10.37 -14.97 -22.54
CA LEU B 194 11.60 -14.28 -22.19
C LEU B 194 12.85 -14.90 -22.79
N PHE B 195 12.78 -16.16 -23.18
CA PHE B 195 13.98 -16.89 -23.55
C PHE B 195 14.64 -16.36 -24.83
N GLN B 196 13.86 -15.74 -25.71
CA GLN B 196 14.45 -15.16 -26.90
C GLN B 196 15.42 -14.04 -26.55
N LEU B 197 15.34 -13.55 -25.32
CA LEU B 197 16.28 -12.50 -24.91
C LEU B 197 17.70 -13.00 -24.74
N PHE B 198 17.87 -14.31 -24.51
CA PHE B 198 19.20 -14.90 -24.39
C PHE B 198 20.08 -14.50 -25.58
N GLY B 199 19.43 -14.27 -26.73
CA GLY B 199 20.13 -14.01 -27.98
C GLY B 199 20.67 -12.60 -28.17
N TYR B 200 20.44 -11.75 -27.17
CA TYR B 200 20.88 -10.36 -27.25
C TYR B 200 21.76 -10.01 -26.07
N GLY B 201 22.63 -9.02 -26.25
CA GLY B 201 23.46 -8.58 -25.16
C GLY B 201 24.86 -9.16 -25.18
N ASP B 202 25.82 -8.34 -24.78
CA ASP B 202 27.16 -8.78 -24.50
C ASP B 202 27.20 -9.60 -23.22
N VAL B 203 26.26 -9.32 -22.31
CA VAL B 203 26.21 -10.01 -21.03
C VAL B 203 24.77 -10.42 -20.72
N VAL B 204 24.58 -11.69 -20.41
CA VAL B 204 23.26 -12.21 -20.09
C VAL B 204 23.28 -12.81 -18.69
N PHE B 205 22.47 -12.25 -17.80
CA PHE B 205 22.30 -12.78 -16.46
C PHE B 205 21.08 -13.69 -16.51
N VAL B 206 21.21 -14.90 -16.00
CA VAL B 206 20.04 -15.74 -15.82
C VAL B 206 19.95 -16.13 -14.35
N SER B 207 18.76 -16.07 -13.77
CA SER B 207 18.65 -16.31 -12.34
C SER B 207 18.62 -17.81 -12.02
N LYS B 208 18.95 -18.14 -10.78
CA LYS B 208 18.97 -19.53 -10.41
C LYS B 208 17.56 -20.10 -10.49
N ASP B 209 16.59 -19.25 -10.23
CA ASP B 209 15.19 -19.69 -10.27
C ASP B 209 14.76 -20.11 -11.67
N VAL B 210 15.24 -19.41 -12.69
CA VAL B 210 14.96 -19.82 -14.06
C VAL B 210 15.71 -21.11 -14.37
N ALA B 211 16.98 -21.15 -14.01
CA ALA B 211 17.79 -22.36 -14.15
C ALA B 211 17.10 -23.59 -13.54
N LYS B 212 16.60 -23.44 -12.32
CA LYS B 212 15.97 -24.57 -11.64
C LYS B 212 14.73 -25.04 -12.38
N HIS B 213 13.90 -24.09 -12.82
CA HIS B 213 12.69 -24.44 -13.55
C HIS B 213 12.98 -25.18 -14.85
N LEU B 214 14.14 -24.90 -15.45
CA LEU B 214 14.55 -25.63 -16.65
C LEU B 214 15.18 -26.97 -16.29
N GLY B 215 15.28 -27.28 -15.00
CA GLY B 215 15.83 -28.56 -14.57
C GLY B 215 17.33 -28.63 -14.28
N PHE B 216 18.00 -27.49 -14.22
CA PHE B 216 19.42 -27.47 -13.88
C PHE B 216 19.59 -27.35 -12.36
N GLN B 217 20.53 -28.11 -11.81
CA GLN B 217 20.69 -28.17 -10.37
C GLN B 217 21.89 -27.39 -9.84
N SER B 218 22.63 -26.74 -10.72
CA SER B 218 23.74 -25.91 -10.28
C SER B 218 24.00 -24.85 -11.34
N ALA B 219 24.83 -23.87 -11.00
CA ALA B 219 25.20 -22.81 -11.92
C ALA B 219 26.01 -23.37 -13.10
N GLU B 220 26.94 -24.27 -12.80
CA GLU B 220 27.74 -24.95 -13.82
C GLU B 220 26.85 -25.68 -14.85
N GLU B 221 25.89 -26.46 -14.37
CA GLU B 221 24.88 -27.06 -15.24
C GLU B 221 24.12 -26.03 -16.10
N ALA B 222 23.70 -24.93 -15.48
CA ALA B 222 22.91 -23.91 -16.18
C ALA B 222 23.70 -23.25 -17.30
N LEU B 223 24.93 -22.81 -16.99
CA LEU B 223 25.74 -22.19 -18.00
C LEU B 223 26.08 -23.11 -19.17
N ARG B 224 26.54 -24.33 -18.90
CA ARG B 224 26.85 -25.27 -19.98
C ARG B 224 25.58 -25.59 -20.77
N GLY B 225 24.46 -25.69 -20.08
CA GLY B 225 23.22 -26.06 -20.74
C GLY B 225 22.53 -24.95 -21.53
N LEU B 226 22.90 -23.70 -21.27
CA LEU B 226 22.19 -22.58 -21.87
C LEU B 226 23.07 -21.76 -22.76
N TYR B 227 24.38 -21.94 -22.65
CA TYR B 227 25.30 -21.12 -23.40
C TYR B 227 24.97 -21.10 -24.90
N GLY B 228 24.57 -22.25 -25.42
CA GLY B 228 24.16 -22.34 -26.81
C GLY B 228 23.21 -21.23 -27.24
N ARG B 229 22.45 -20.68 -26.30
CA ARG B 229 21.38 -19.76 -26.66
C ARG B 229 21.83 -18.30 -26.83
N VAL B 230 23.06 -17.99 -26.43
CA VAL B 230 23.52 -16.62 -26.46
C VAL B 230 24.19 -16.32 -27.79
N ARG B 231 24.31 -15.03 -28.11
CA ARG B 231 24.94 -14.67 -29.37
C ARG B 231 26.43 -14.75 -29.25
N LYS B 232 27.08 -14.91 -30.40
CA LYS B 232 28.51 -15.16 -30.44
C LYS B 232 29.27 -14.06 -29.72
N GLY B 233 30.25 -14.45 -28.91
CA GLY B 233 31.04 -13.51 -28.17
C GLY B 233 30.46 -13.10 -26.82
N ALA B 234 29.23 -13.53 -26.52
CA ALA B 234 28.55 -13.08 -25.30
C ALA B 234 28.98 -13.83 -24.02
N VAL B 235 28.84 -13.16 -22.88
CA VAL B 235 29.10 -13.76 -21.58
C VAL B 235 27.79 -14.09 -20.85
N LEU B 236 27.67 -15.33 -20.39
CA LEU B 236 26.49 -15.80 -19.68
C LEU B 236 26.83 -15.96 -18.20
N VAL B 237 25.98 -15.41 -17.34
CA VAL B 237 26.31 -15.29 -15.92
C VAL B 237 25.16 -15.84 -15.09
N CYS B 238 25.49 -16.58 -14.03
CA CYS B 238 24.48 -17.18 -13.14
C CYS B 238 24.95 -17.21 -11.68
N ALA B 239 24.27 -16.43 -10.84
CA ALA B 239 24.53 -16.37 -9.40
C ALA B 239 23.71 -17.44 -8.69
N TRP B 240 24.25 -18.04 -7.64
CA TRP B 240 23.53 -19.14 -6.99
C TRP B 240 23.61 -19.00 -5.48
N ALA B 241 23.07 -17.89 -4.99
CA ALA B 241 22.96 -17.63 -3.56
C ALA B 241 24.26 -17.86 -2.82
N GLU B 242 24.24 -18.75 -1.82
CA GLU B 242 25.42 -19.03 -1.00
C GLU B 242 26.54 -19.78 -1.72
N GLU B 243 26.28 -20.27 -2.93
CA GLU B 243 27.35 -20.88 -3.70
C GLU B 243 28.13 -19.87 -4.56
N GLY B 244 27.88 -18.58 -4.39
CA GLY B 244 28.53 -17.59 -5.23
C GLY B 244 27.95 -17.51 -6.64
N ALA B 245 28.82 -17.42 -7.63
CA ALA B 245 28.36 -17.20 -9.01
C ALA B 245 29.36 -17.71 -10.04
N ASP B 246 28.87 -18.12 -11.21
CA ASP B 246 29.73 -18.48 -12.33
C ASP B 246 29.49 -17.60 -13.55
N ALA B 247 30.44 -17.65 -14.47
CA ALA B 247 30.30 -17.05 -15.81
C ALA B 247 30.99 -17.90 -16.86
N LEU B 248 30.44 -17.87 -18.06
CA LEU B 248 31.02 -18.58 -19.17
C LEU B 248 31.04 -17.68 -20.40
N GLY B 249 32.23 -17.47 -20.96
CA GLY B 249 32.38 -16.70 -22.17
C GLY B 249 32.69 -17.53 -23.41
N PRO B 250 33.03 -16.86 -24.52
CA PRO B 250 33.30 -17.53 -25.80
C PRO B 250 34.48 -18.51 -25.76
N ASP B 251 35.46 -18.28 -24.90
CA ASP B 251 36.59 -19.21 -24.78
C ASP B 251 36.25 -20.50 -24.04
N GLY B 252 35.00 -20.67 -23.61
CA GLY B 252 34.56 -21.93 -23.05
C GLY B 252 34.99 -22.23 -21.62
N LYS B 253 35.72 -21.31 -21.01
CA LYS B 253 36.26 -21.50 -19.67
C LYS B 253 35.30 -21.04 -18.56
N LEU B 254 34.76 -22.00 -17.82
CA LEU B 254 33.87 -21.70 -16.71
C LEU B 254 34.56 -20.95 -15.57
N LEU B 255 34.11 -19.72 -15.33
CA LEU B 255 34.68 -18.86 -14.29
C LEU B 255 33.81 -18.91 -13.05
N HIS B 256 34.41 -18.80 -11.90
CA HIS B 256 33.66 -18.95 -10.67
C HIS B 256 34.18 -18.05 -9.58
N SER B 257 33.28 -17.52 -8.76
CA SER B 257 33.65 -16.95 -7.47
C SER B 257 32.78 -17.49 -6.33
N ASP B 258 33.41 -17.80 -5.21
CA ASP B 258 32.67 -18.12 -4.00
C ASP B 258 31.92 -16.88 -3.51
N ALA B 259 30.89 -17.13 -2.71
CA ALA B 259 30.23 -16.10 -1.96
C ALA B 259 31.15 -15.53 -0.89
N PHE B 260 30.78 -14.37 -0.38
CA PHE B 260 31.44 -13.75 0.75
C PHE B 260 30.41 -13.58 1.85
N PRO B 261 30.19 -14.66 2.62
CA PRO B 261 29.17 -14.67 3.68
C PRO B 261 29.45 -13.52 4.63
N PRO B 262 28.39 -12.84 5.08
CA PRO B 262 28.54 -11.76 6.06
C PRO B 262 28.44 -12.35 7.48
N PRO B 263 28.89 -11.60 8.50
CA PRO B 263 28.87 -12.09 9.89
C PRO B 263 27.57 -12.82 10.21
N ARG B 264 26.44 -12.24 9.80
CA ARG B 264 25.19 -12.98 9.78
C ARG B 264 24.25 -12.44 8.70
N VAL B 265 23.38 -13.30 8.19
CA VAL B 265 22.48 -12.95 7.11
C VAL B 265 21.21 -12.28 7.62
N VAL B 266 21.02 -11.03 7.20
CA VAL B 266 19.94 -10.17 7.67
C VAL B 266 18.85 -9.95 6.61
N ASP B 267 19.27 -9.78 5.36
CA ASP B 267 18.33 -9.42 4.28
C ASP B 267 18.90 -9.72 2.91
N THR B 268 18.38 -10.76 2.26
CA THR B 268 18.85 -11.15 0.94
C THR B 268 17.96 -10.65 -0.19
N LEU B 269 16.90 -9.91 0.15
CA LEU B 269 16.07 -9.30 -0.87
C LEU B 269 16.89 -8.28 -1.66
N GLY B 270 16.99 -8.48 -2.96
CA GLY B 270 17.73 -7.57 -3.82
C GLY B 270 19.22 -7.88 -3.93
N ALA B 271 19.65 -8.98 -3.33
CA ALA B 271 21.03 -9.43 -3.49
C ALA B 271 21.36 -9.71 -4.95
N GLY B 272 20.45 -10.36 -5.67
CA GLY B 272 20.65 -10.62 -7.09
C GLY B 272 20.83 -9.33 -7.89
N ASP B 273 19.99 -8.33 -7.61
CA ASP B 273 20.08 -7.01 -8.24
C ASP B 273 21.36 -6.27 -7.84
N THR B 274 21.82 -6.48 -6.61
CA THR B 274 23.08 -5.88 -6.18
C THR B 274 24.26 -6.53 -6.92
N PHE B 275 24.16 -7.85 -7.08
CA PHE B 275 25.15 -8.58 -7.82
C PHE B 275 25.17 -8.12 -9.26
N ASN B 276 24.01 -8.11 -9.91
CA ASN B 276 23.95 -7.64 -11.31
C ASN B 276 24.59 -6.25 -11.54
N ALA B 277 24.18 -5.26 -10.75
CA ALA B 277 24.69 -3.88 -10.88
C ALA B 277 26.19 -3.82 -10.66
N SER B 278 26.66 -4.64 -9.73
CA SER B 278 28.07 -4.65 -9.39
C SER B 278 28.90 -5.28 -10.49
N VAL B 279 28.42 -6.37 -11.09
CA VAL B 279 29.12 -6.91 -12.25
C VAL B 279 29.15 -5.90 -13.40
N ILE B 280 28.01 -5.33 -13.73
CA ILE B 280 27.94 -4.30 -14.76
C ILE B 280 28.95 -3.18 -14.47
N PHE B 281 28.94 -2.71 -13.24
CA PHE B 281 29.82 -1.61 -12.87
C PHE B 281 31.27 -1.96 -13.15
N SER B 282 31.70 -3.11 -12.61
CA SER B 282 33.07 -3.58 -12.77
C SER B 282 33.45 -3.72 -14.24
N LEU B 283 32.62 -4.39 -15.03
CA LEU B 283 32.90 -4.51 -16.46
C LEU B 283 32.94 -3.13 -17.14
N SER B 284 32.04 -2.23 -16.73
CA SER B 284 32.00 -0.91 -17.36
C SER B 284 33.30 -0.16 -17.06
N GLN B 285 33.96 -0.53 -15.97
CA GLN B 285 35.21 0.09 -15.60
C GLN B 285 36.40 -0.58 -16.31
N GLY B 286 36.11 -1.56 -17.16
CA GLY B 286 37.17 -2.27 -17.87
C GLY B 286 37.82 -3.42 -17.12
N ARG B 287 37.20 -3.92 -16.05
CA ARG B 287 37.77 -5.08 -15.36
C ARG B 287 37.47 -6.35 -16.15
N SER B 288 38.16 -7.45 -15.79
CA SER B 288 37.93 -8.73 -16.46
C SER B 288 36.64 -9.37 -15.92
N VAL B 289 36.06 -10.26 -16.70
CA VAL B 289 34.91 -11.00 -16.23
C VAL B 289 35.17 -11.64 -14.85
N GLN B 290 36.37 -12.16 -14.65
CA GLN B 290 36.70 -12.85 -13.41
C GLN B 290 36.76 -11.88 -12.24
N GLU B 291 37.29 -10.68 -12.47
CA GLU B 291 37.35 -9.63 -11.46
C GLU B 291 35.92 -9.17 -11.13
N ALA B 292 35.10 -9.04 -12.16
CA ALA B 292 33.72 -8.57 -12.00
C ALA B 292 32.85 -9.54 -11.20
N LEU B 293 33.01 -10.84 -11.46
CA LEU B 293 32.31 -11.88 -10.68
C LEU B 293 32.67 -11.76 -9.21
N ARG B 294 33.96 -11.60 -8.96
CA ARG B 294 34.45 -11.50 -7.61
C ARG B 294 33.85 -10.27 -6.93
N PHE B 295 34.01 -9.11 -7.56
CA PHE B 295 33.44 -7.87 -7.05
C PHE B 295 31.93 -7.97 -6.82
N GLY B 296 31.23 -8.58 -7.76
CA GLY B 296 29.80 -8.79 -7.61
C GLY B 296 29.47 -9.58 -6.37
N CYS B 297 30.23 -10.67 -6.14
CA CYS B 297 30.00 -11.48 -4.95
C CYS B 297 30.37 -10.76 -3.67
N GLN B 298 31.40 -9.94 -3.71
CA GLN B 298 31.76 -9.17 -2.52
C GLN B 298 30.68 -8.15 -2.16
N VAL B 299 30.19 -7.38 -3.13
CA VAL B 299 29.20 -6.35 -2.80
C VAL B 299 27.89 -7.00 -2.34
N ALA B 300 27.45 -8.02 -3.07
CA ALA B 300 26.19 -8.67 -2.75
C ALA B 300 26.24 -9.40 -1.41
N GLY B 301 27.40 -9.96 -1.07
CA GLY B 301 27.54 -10.65 0.21
C GLY B 301 27.50 -9.66 1.37
N LYS B 302 28.24 -8.58 1.25
CA LYS B 302 28.10 -7.46 2.17
C LYS B 302 26.63 -7.05 2.33
N LYS B 303 25.91 -6.91 1.22
CA LYS B 303 24.51 -6.48 1.25
C LYS B 303 23.62 -7.47 2.01
N CYS B 304 23.97 -8.74 1.94
CA CYS B 304 23.17 -9.75 2.61
C CYS B 304 23.15 -9.61 4.15
N GLY B 305 24.16 -8.93 4.69
CA GLY B 305 24.22 -8.66 6.11
C GLY B 305 23.64 -7.31 6.55
N LEU B 306 23.01 -6.58 5.63
CA LEU B 306 22.46 -5.26 5.94
C LEU B 306 21.00 -5.22 5.56
N GLN B 307 20.24 -4.40 6.25
CA GLN B 307 18.87 -4.17 5.83
C GLN B 307 18.97 -3.10 4.76
N GLY B 308 18.32 -3.33 3.62
CA GLY B 308 18.36 -2.37 2.53
C GLY B 308 19.74 -2.23 1.90
N PHE B 309 20.01 -1.06 1.34
CA PHE B 309 21.23 -0.86 0.56
C PHE B 309 22.21 0.10 1.22
N ASP B 310 21.81 0.70 2.32
CA ASP B 310 22.70 1.58 3.08
C ASP B 310 23.95 0.84 3.53
N GLY B 311 25.12 1.42 3.28
CA GLY B 311 26.35 0.85 3.81
C GLY B 311 26.94 -0.29 3.02
N ILE B 312 26.43 -0.57 1.83
CA ILE B 312 27.10 -1.56 0.98
C ILE B 312 28.39 -0.89 0.48
N VAL B 313 28.40 0.44 0.57
CA VAL B 313 29.50 1.29 0.10
C VAL B 313 30.02 0.88 -1.28
PG ANP C . -15.95 -1.76 8.51
O1G ANP C . -15.47 -0.62 7.65
O2G ANP C . -15.45 -1.89 9.93
O3G ANP C . -15.61 -3.14 7.72
PB ANP C . -18.17 -3.42 8.72
O1B ANP C . -17.63 -3.94 10.02
O2B ANP C . -17.84 -4.10 7.39
N3B ANP C . -17.67 -1.80 8.45
PA ANP C . -20.77 -4.17 9.78
O1A ANP C . -20.71 -3.51 11.14
O2A ANP C . -20.53 -5.67 9.60
O3A ANP C . -19.78 -3.37 8.79
O5' ANP C . -22.20 -3.82 9.09
C5' ANP C . -22.76 -2.52 9.32
C4' ANP C . -24.00 -2.40 8.44
O4' ANP C . -23.61 -2.41 7.05
C3' ANP C . -24.99 -3.58 8.60
O3' ANP C . -25.89 -3.36 9.68
C2' ANP C . -25.77 -3.51 7.28
O2' ANP C . -26.61 -2.48 7.27
C1' ANP C . -24.56 -3.24 6.34
N9 ANP C . -23.90 -4.41 5.85
C8 ANP C . -22.68 -4.90 6.26
N7 ANP C . -22.36 -6.03 5.64
C5 ANP C . -23.44 -6.30 4.84
C6 ANP C . -23.73 -7.34 3.95
N6 ANP C . -22.87 -8.40 3.73
N1 ANP C . -24.92 -7.31 3.27
C2 ANP C . -25.78 -6.29 3.47
N3 ANP C . -25.60 -5.24 4.30
C4 ANP C . -24.42 -5.31 4.95
C1 FRU D . -13.00 0.89 8.28
C2 FRU D . -11.79 1.78 8.70
C3 FRU D . -10.73 1.86 7.54
C4 FRU D . -9.51 2.14 8.44
C5 FRU D . -9.78 1.29 9.72
C6 FRU D . -9.11 1.87 10.96
O1 FRU D . -14.03 1.34 9.11
O2 FRU D . -12.15 3.07 9.03
O3 FRU D . -11.00 2.91 6.69
O4 FRU D . -8.34 1.71 7.84
O5 FRU D . -11.19 1.20 9.85
O6 FRU D . -9.78 1.39 12.10
PG ANP E . 18.13 -15.19 -2.37
O1G ANP E . 19.57 -15.65 -2.42
O2G ANP E . 17.37 -15.23 -1.06
O3G ANP E . 17.26 -16.11 -3.40
PB ANP E . 18.44 -13.38 -4.72
O1B ANP E . 18.18 -11.92 -5.03
O2B ANP E . 17.69 -14.45 -5.49
N3B ANP E . 18.08 -13.59 -3.04
PA ANP E . 20.85 -14.64 -5.85
O1A ANP E . 20.54 -14.09 -7.25
O2A ANP E . 20.63 -16.11 -5.59
O3A ANP E . 20.03 -13.74 -4.78
O5' ANP E . 22.38 -14.34 -5.42
C5' ANP E . 23.10 -13.25 -6.00
C4' ANP E . 24.40 -13.13 -5.20
O4' ANP E . 24.10 -12.63 -3.88
C3' ANP E . 25.13 -14.48 -4.96
O3' ANP E . 25.91 -14.86 -6.10
C2' ANP E . 26.03 -14.13 -3.75
O2' ANP E . 27.07 -13.36 -4.07
C1' ANP E . 24.99 -13.29 -2.94
N9 ANP E . 24.23 -14.02 -1.94
C8 ANP E . 22.92 -14.42 -2.01
N7 ANP E . 22.56 -15.10 -0.93
C5 ANP E . 23.70 -15.14 -0.16
C6 ANP E . 23.95 -15.69 1.11
N6 ANP E . 22.98 -16.36 1.83
N1 ANP E . 25.20 -15.56 1.65
C2 ANP E . 26.14 -14.90 0.94
N3 ANP E . 25.99 -14.32 -0.28
C4 ANP E . 24.74 -14.49 -0.76
S SO4 F . 6.25 -8.95 -12.15
O1 SO4 F . 5.79 -7.60 -12.45
O2 SO4 F . 6.12 -9.26 -10.73
O3 SO4 F . 5.45 -9.91 -12.92
O4 SO4 F . 7.66 -9.04 -12.55
#